data_1MDO
#
_entry.id   1MDO
#
_cell.length_a   91.154
_cell.length_b   91.154
_cell.length_c   128.585
_cell.angle_alpha   90.00
_cell.angle_beta   90.00
_cell.angle_gamma   90.00
#
_symmetry.space_group_name_H-M   'P 43 21 2'
#
loop_
_entity.id
_entity.type
_entity.pdbx_description
1 polymer 'ArnB aminotransferase'
2 non-polymer "4'-DEOXY-4'-AMINOPYRIDOXAL-5'-PHOSPHATE"
3 water water
#
_entity_poly.entity_id   1
_entity_poly.type   'polypeptide(L)'
_entity_poly.pdbx_seq_one_letter_code
;(MSE)AEGK(MSE)(MSE)SDFLPFSRPA(MSE)GAEELAAVKTVLDSGWITTGPKNQELEAAFCRLTGNQYAVAVSSAT
AG(MSE)HIAL(MSE)ALGIGEGDEVITPS(MSE)TWVSTLN(MSE)IVLLGANPV(MSE)VDVDRDTL(MSE)VTPEHI
EAAITPQTKAIIPVHYAGAPADLDAIYALGERYGIPVIEDAAHATGTSYKGRHIGARGTAIFSFHAIKNITCAEGGIVVT
DNPQFADKLRSLKFHGLGVDAWDRQSGGRAPQAEVLAPGYKYNLPDLNAAIALAQLQKLDALNARRAAIAAQYHQA
(MSE)ADLPFQPLSLPSWEHIHAWHLFIIRVDEARCGITRDAL(MSE)ASLKTKGIGTGLHFRAAHTQKYYRERFPTLTL
PDTEWNSERICSLPLFPD(MSE)TESDFDRVITALHQIAGQGSHHHHHH
;
_entity_poly.pdbx_strand_id   A
#
loop_
_chem_comp.id
_chem_comp.type
_chem_comp.name
_chem_comp.formula
PMP non-polymer 4'-DEOXY-4'-AMINOPYRIDOXAL-5'-PHOSPHATE 'C8 H13 N2 O5 P'
#
# COMPACT_ATOMS: atom_id res chain seq x y z
N ASP A 9 -4.04 5.71 29.08
CA ASP A 9 -4.14 6.38 27.78
C ASP A 9 -3.29 5.68 26.72
N PHE A 10 -3.78 4.54 26.24
CA PHE A 10 -3.08 3.78 25.21
C PHE A 10 -2.75 4.63 23.99
N LEU A 11 -1.55 4.48 23.48
CA LEU A 11 -1.11 5.18 22.27
C LEU A 11 -0.99 4.17 21.12
N PRO A 12 -1.97 4.15 20.23
CA PRO A 12 -1.96 3.22 19.09
C PRO A 12 -0.86 3.56 18.12
N PHE A 13 -0.52 2.66 17.19
CA PHE A 13 0.52 2.97 16.22
C PHE A 13 0.01 3.94 15.15
N SER A 14 -1.29 4.01 15.01
CA SER A 14 -1.89 4.93 14.03
C SER A 14 -3.26 5.42 14.50
N ARG A 15 -3.60 6.64 14.15
CA ARG A 15 -4.88 7.27 14.37
C ARG A 15 -5.24 8.03 13.07
N PRO A 16 -6.45 7.90 12.60
CA PRO A 16 -6.87 8.63 11.39
C PRO A 16 -6.97 10.12 11.70
N ALA A 17 -6.63 10.96 10.74
CA ALA A 17 -6.66 12.42 10.99
C ALA A 17 -8.03 12.96 10.63
N MSE A 18 -9.04 12.60 11.43
CA MSE A 18 -10.40 13.01 11.20
C MSE A 18 -10.68 14.32 11.94
O MSE A 18 -10.37 14.43 13.11
CB MSE A 18 -11.39 11.94 11.69
CG MSE A 18 -11.19 10.56 11.08
SE MSE A 18 -11.80 10.44 9.27
CE MSE A 18 -10.16 10.70 8.34
N GLY A 19 -11.24 15.30 11.22
CA GLY A 19 -11.54 16.59 11.86
C GLY A 19 -12.87 17.15 11.41
N ALA A 20 -13.02 18.48 11.53
CA ALA A 20 -14.27 19.11 11.14
C ALA A 20 -14.57 18.97 9.67
N GLU A 21 -13.55 19.00 8.81
CA GLU A 21 -13.74 18.92 7.37
C GLU A 21 -14.40 17.58 6.98
N GLU A 22 -13.93 16.50 7.61
CA GLU A 22 -14.47 15.17 7.29
C GLU A 22 -15.92 15.06 7.69
N LEU A 23 -16.27 15.57 8.88
CA LEU A 23 -17.68 15.54 9.27
C LEU A 23 -18.53 16.38 8.36
N ALA A 24 -18.08 17.60 8.02
CA ALA A 24 -18.84 18.45 7.12
C ALA A 24 -19.06 17.80 5.75
N ALA A 25 -18.04 17.12 5.24
CA ALA A 25 -18.21 16.46 3.94
C ALA A 25 -19.30 15.40 4.03
N VAL A 26 -19.32 14.61 5.11
CA VAL A 26 -20.36 13.60 5.28
C VAL A 26 -21.75 14.22 5.36
N LYS A 27 -21.87 15.29 6.16
CA LYS A 27 -23.12 15.99 6.30
C LYS A 27 -23.68 16.46 4.98
N THR A 28 -22.85 17.05 4.13
CA THR A 28 -23.28 17.51 2.81
C THR A 28 -23.86 16.36 2.00
N VAL A 29 -23.19 15.20 2.05
CA VAL A 29 -23.70 14.05 1.28
C VAL A 29 -24.99 13.53 1.86
N LEU A 30 -25.07 13.42 3.19
CA LEU A 30 -26.27 12.94 3.86
C LEU A 30 -27.47 13.84 3.52
N ASP A 31 -27.23 15.14 3.56
CA ASP A 31 -28.28 16.13 3.27
C ASP A 31 -28.72 16.15 1.83
N SER A 32 -27.84 15.80 0.89
CA SER A 32 -28.18 15.80 -0.52
C SER A 32 -29.11 14.66 -0.87
N GLY A 33 -29.00 13.54 -0.15
CA GLY A 33 -29.83 12.39 -0.43
C GLY A 33 -29.17 11.45 -1.46
N TRP A 34 -28.04 11.85 -2.01
CA TRP A 34 -27.37 10.95 -2.98
C TRP A 34 -26.13 10.40 -2.28
N ILE A 35 -26.36 9.29 -1.57
CA ILE A 35 -25.38 8.72 -0.68
C ILE A 35 -24.51 7.65 -1.28
N THR A 36 -24.94 7.00 -2.35
CA THR A 36 -23.99 6.02 -2.93
C THR A 36 -23.29 6.61 -4.12
N THR A 37 -22.61 5.81 -4.91
CA THR A 37 -21.76 6.28 -6.00
C THR A 37 -22.40 7.31 -6.89
N GLY A 38 -21.69 8.43 -7.06
CA GLY A 38 -22.25 9.53 -7.89
C GLY A 38 -21.23 10.62 -8.09
N PRO A 39 -21.65 11.88 -7.97
CA PRO A 39 -20.77 13.02 -8.18
C PRO A 39 -19.56 13.08 -7.31
N LYS A 40 -19.58 12.66 -6.05
CA LYS A 40 -18.39 12.71 -5.22
C LYS A 40 -17.34 11.71 -5.74
N ASN A 41 -17.81 10.59 -6.28
CA ASN A 41 -16.85 9.63 -6.86
C ASN A 41 -16.16 10.22 -8.08
N GLN A 42 -16.97 10.89 -8.93
CA GLN A 42 -16.37 11.49 -10.13
C GLN A 42 -15.38 12.58 -9.72
N GLU A 43 -15.68 13.31 -8.67
CA GLU A 43 -14.77 14.38 -8.21
C GLU A 43 -13.48 13.79 -7.68
N LEU A 44 -13.59 12.68 -6.94
CA LEU A 44 -12.41 12.03 -6.39
C LEU A 44 -11.52 11.50 -7.52
N GLU A 45 -12.14 10.92 -8.55
CA GLU A 45 -11.36 10.41 -9.69
C GLU A 45 -10.65 11.56 -10.40
N ALA A 46 -11.39 12.64 -10.63
CA ALA A 46 -10.75 13.81 -11.28
C ALA A 46 -9.63 14.35 -10.43
N ALA A 47 -9.78 14.40 -9.12
CA ALA A 47 -8.74 14.87 -8.22
C ALA A 47 -7.49 13.99 -8.29
N PHE A 48 -7.71 12.64 -8.31
CA PHE A 48 -6.54 11.77 -8.36
C PHE A 48 -5.79 11.87 -9.67
N CYS A 49 -6.47 12.17 -10.76
CA CYS A 49 -5.79 12.40 -12.04
C CYS A 49 -4.97 13.69 -11.93
N ARG A 50 -5.58 14.73 -11.35
CA ARG A 50 -4.80 15.99 -11.17
C ARG A 50 -3.60 15.76 -10.30
N LEU A 51 -3.76 15.06 -9.17
CA LEU A 51 -2.69 14.78 -8.25
C LEU A 51 -1.53 14.05 -8.90
N THR A 52 -1.84 12.95 -9.60
CA THR A 52 -0.82 12.09 -10.13
C THR A 52 -0.29 12.51 -11.49
N GLY A 53 -1.09 13.13 -12.33
CA GLY A 53 -0.65 13.44 -13.69
C GLY A 53 -1.10 12.36 -14.68
N ASN A 54 -1.84 11.34 -14.19
CA ASN A 54 -2.33 10.32 -15.10
C ASN A 54 -3.65 10.71 -15.72
N GLN A 55 -4.14 9.95 -16.68
CA GLN A 55 -5.32 10.28 -17.44
C GLN A 55 -6.65 9.77 -16.94
N TYR A 56 -6.71 8.57 -16.38
CA TYR A 56 -7.99 7.98 -15.94
C TYR A 56 -7.89 7.44 -14.51
N ALA A 57 -9.00 7.50 -13.76
CA ALA A 57 -9.00 6.95 -12.41
C ALA A 57 -10.37 6.32 -12.11
N VAL A 58 -10.34 5.15 -11.48
CA VAL A 58 -11.55 4.42 -11.12
C VAL A 58 -11.56 4.17 -9.61
N ALA A 59 -12.48 4.81 -8.90
CA ALA A 59 -12.56 4.66 -7.45
C ALA A 59 -13.29 3.32 -7.13
N VAL A 60 -12.75 2.64 -6.15
CA VAL A 60 -13.28 1.33 -5.77
C VAL A 60 -13.42 1.23 -4.25
N SER A 61 -13.99 0.09 -3.78
CA SER A 61 -14.26 -0.11 -2.37
C SER A 61 -13.06 -0.41 -1.51
N SER A 62 -11.92 -0.81 -2.07
CA SER A 62 -10.68 -1.05 -1.38
C SER A 62 -9.52 -1.20 -2.37
N ALA A 63 -8.28 -1.11 -1.88
CA ALA A 63 -7.17 -1.37 -2.82
C ALA A 63 -7.16 -2.85 -3.21
N THR A 64 -7.59 -3.74 -2.31
CA THR A 64 -7.70 -5.18 -2.66
C THR A 64 -8.63 -5.36 -3.85
N ALA A 65 -9.80 -4.67 -3.80
CA ALA A 65 -10.74 -4.75 -4.92
C ALA A 65 -10.12 -4.24 -6.20
N GLY A 66 -9.39 -3.12 -6.10
CA GLY A 66 -8.71 -2.56 -7.24
C GLY A 66 -7.73 -3.57 -7.86
N MSE A 67 -6.98 -4.28 -7.04
CA MSE A 67 -6.04 -5.29 -7.53
C MSE A 67 -6.78 -6.43 -8.23
O MSE A 67 -6.42 -6.90 -9.31
CB MSE A 67 -5.19 -5.84 -6.39
CG MSE A 67 -4.12 -6.86 -6.79
SE MSE A 67 -2.78 -6.07 -7.98
CE MSE A 67 -1.88 -5.00 -6.64
N HIS A 68 -7.88 -6.86 -7.61
CA HIS A 68 -8.70 -7.91 -8.20
C HIS A 68 -9.17 -7.55 -9.59
N ILE A 69 -9.78 -6.35 -9.75
CA ILE A 69 -10.31 -5.98 -11.05
C ILE A 69 -9.20 -5.62 -12.04
N ALA A 70 -8.04 -5.19 -11.54
CA ALA A 70 -6.94 -4.88 -12.48
C ALA A 70 -6.41 -6.18 -13.08
N LEU A 71 -6.24 -7.17 -12.19
CA LEU A 71 -5.72 -8.46 -12.71
C LEU A 71 -6.75 -9.12 -13.60
N MSE A 72 -8.03 -9.00 -13.23
CA MSE A 72 -9.10 -9.59 -14.01
C MSE A 72 -9.22 -8.92 -15.37
O MSE A 72 -9.33 -9.59 -16.41
CB MSE A 72 -10.40 -9.39 -13.20
CG MSE A 72 -11.58 -10.11 -13.80
SE MSE A 72 -13.05 -9.89 -12.52
CE MSE A 72 -14.39 -10.78 -13.55
N ALA A 73 -9.05 -7.59 -15.41
CA ALA A 73 -9.13 -6.84 -16.65
C ALA A 73 -8.03 -7.23 -17.63
N LEU A 74 -6.90 -7.69 -17.09
CA LEU A 74 -5.78 -8.16 -17.92
C LEU A 74 -6.06 -9.55 -18.47
N GLY A 75 -7.09 -10.21 -17.97
CA GLY A 75 -7.48 -11.54 -18.37
C GLY A 75 -6.61 -12.61 -17.69
N ILE A 76 -6.08 -12.29 -16.51
CA ILE A 76 -5.25 -13.26 -15.80
C ILE A 76 -6.06 -14.41 -15.27
N GLY A 77 -5.59 -15.64 -15.48
CA GLY A 77 -6.36 -16.80 -15.01
C GLY A 77 -5.51 -18.07 -14.97
N GLU A 78 -6.22 -19.20 -15.07
CA GLU A 78 -5.57 -20.52 -15.01
C GLU A 78 -4.37 -20.59 -15.96
N GLY A 79 -3.24 -21.04 -15.46
CA GLY A 79 -2.05 -21.20 -16.29
C GLY A 79 -1.11 -20.02 -16.23
N ASP A 80 -1.63 -18.83 -15.95
CA ASP A 80 -0.82 -17.63 -15.90
C ASP A 80 -0.04 -17.47 -14.60
N GLU A 81 1.10 -16.79 -14.71
CA GLU A 81 1.95 -16.50 -13.57
C GLU A 81 1.99 -14.98 -13.29
N VAL A 82 2.02 -14.62 -12.02
CA VAL A 82 2.12 -13.19 -11.65
C VAL A 82 3.26 -13.04 -10.68
N ILE A 83 4.28 -12.25 -11.04
CA ILE A 83 5.42 -12.03 -10.18
C ILE A 83 5.11 -10.94 -9.15
N THR A 84 5.37 -11.24 -7.90
CA THR A 84 5.17 -10.38 -6.76
C THR A 84 6.10 -10.72 -5.62
N PRO A 85 6.49 -9.76 -4.81
CA PRO A 85 7.17 -10.02 -3.56
C PRO A 85 6.26 -10.83 -2.62
N SER A 86 6.87 -11.61 -1.74
CA SER A 86 6.11 -12.21 -0.64
C SER A 86 5.97 -11.18 0.48
N MSE A 87 6.92 -10.22 0.52
CA MSE A 87 6.88 -9.17 1.54
C MSE A 87 5.91 -8.07 1.10
O MSE A 87 6.26 -7.05 0.53
CB MSE A 87 8.25 -8.60 1.82
CB MSE A 87 8.29 -8.59 1.69
CG MSE A 87 8.30 -7.46 2.83
CG MSE A 87 8.49 -7.69 2.88
SE MSE A 87 7.52 -7.81 4.52
SE MSE A 87 8.31 -8.58 4.56
CE MSE A 87 8.62 -9.24 5.15
CE MSE A 87 7.17 -7.34 5.44
N THR A 88 4.63 -8.35 1.37
CA THR A 88 3.52 -7.47 1.00
C THR A 88 2.29 -7.98 1.77
N TRP A 89 1.19 -7.26 1.70
CA TRP A 89 -0.02 -7.75 2.39
C TRP A 89 -0.54 -8.94 1.59
N VAL A 90 -1.15 -9.91 2.27
CA VAL A 90 -1.62 -11.10 1.58
C VAL A 90 -2.69 -10.92 0.56
N SER A 91 -3.40 -9.77 0.53
CA SER A 91 -4.46 -9.54 -0.43
C SER A 91 -4.01 -9.77 -1.85
N THR A 92 -2.81 -9.25 -2.22
CA THR A 92 -2.41 -9.43 -3.62
C THR A 92 -2.28 -10.92 -3.98
N LEU A 93 -1.63 -11.66 -3.09
CA LEU A 93 -1.43 -13.11 -3.33
C LEU A 93 -2.80 -13.79 -3.42
N ASN A 94 -3.72 -13.43 -2.53
CA ASN A 94 -5.07 -14.04 -2.59
C ASN A 94 -5.77 -13.73 -3.89
N MSE A 95 -5.62 -12.47 -4.38
CA MSE A 95 -6.34 -12.13 -5.61
C MSE A 95 -5.82 -12.95 -6.77
O MSE A 95 -6.55 -13.36 -7.67
CB MSE A 95 -6.35 -10.64 -5.88
CG MSE A 95 -7.18 -9.76 -4.99
SE MSE A 95 -8.97 -10.36 -4.63
CE MSE A 95 -8.66 -11.42 -3.07
N ILE A 96 -4.49 -13.15 -6.82
CA ILE A 96 -3.86 -13.93 -7.88
C ILE A 96 -4.40 -15.38 -7.82
N VAL A 97 -4.33 -15.95 -6.63
CA VAL A 97 -4.81 -17.32 -6.44
C VAL A 97 -6.27 -17.50 -6.78
N LEU A 98 -7.14 -16.58 -6.35
CA LEU A 98 -8.57 -16.68 -6.56
C LEU A 98 -9.00 -16.53 -7.98
N LEU A 99 -8.18 -15.86 -8.81
CA LEU A 99 -8.43 -15.77 -10.23
C LEU A 99 -8.02 -17.07 -10.94
N GLY A 100 -7.38 -17.97 -10.25
CA GLY A 100 -6.92 -19.25 -10.77
C GLY A 100 -5.48 -19.20 -11.24
N ALA A 101 -4.82 -18.06 -11.06
CA ALA A 101 -3.45 -17.90 -11.50
C ALA A 101 -2.43 -18.36 -10.47
N ASN A 102 -1.16 -18.42 -10.88
CA ASN A 102 -0.10 -18.89 -10.01
C ASN A 102 0.82 -17.75 -9.59
N PRO A 103 0.84 -17.45 -8.30
CA PRO A 103 1.73 -16.42 -7.79
C PRO A 103 3.17 -16.91 -7.79
N VAL A 104 4.07 -16.09 -8.30
CA VAL A 104 5.49 -16.42 -8.31
C VAL A 104 6.20 -15.39 -7.43
N MSE A 105 6.43 -15.71 -6.18
CA MSE A 105 7.01 -14.90 -5.16
C MSE A 105 8.53 -14.81 -5.27
O MSE A 105 9.22 -15.80 -5.47
CB MSE A 105 6.59 -15.32 -3.76
CG MSE A 105 5.06 -15.06 -3.55
SE MSE A 105 4.45 -15.62 -1.82
CE MSE A 105 3.93 -17.42 -2.21
N VAL A 106 9.00 -13.56 -5.22
CA VAL A 106 10.43 -13.26 -5.38
C VAL A 106 10.93 -12.43 -4.22
N ASP A 107 12.27 -12.41 -4.00
CA ASP A 107 12.79 -11.76 -2.82
C ASP A 107 12.91 -10.25 -2.96
N VAL A 108 13.15 -9.58 -1.85
CA VAL A 108 13.26 -8.13 -1.83
C VAL A 108 14.62 -7.67 -1.30
N ASP A 109 14.91 -6.39 -1.53
CA ASP A 109 16.13 -5.81 -0.97
C ASP A 109 16.09 -5.96 0.55
N ARG A 110 17.22 -6.41 1.12
CA ARG A 110 17.30 -6.66 2.55
C ARG A 110 17.11 -5.44 3.41
N ASP A 111 17.39 -4.24 2.92
CA ASP A 111 17.27 -3.03 3.71
C ASP A 111 16.12 -2.11 3.34
N THR A 112 15.58 -2.17 2.13
CA THR A 112 14.44 -1.32 1.82
C THR A 112 13.13 -2.13 1.77
N LEU A 113 13.26 -3.44 1.68
CA LEU A 113 12.08 -4.31 1.57
C LEU A 113 11.40 -4.22 0.23
N MSE A 114 12.03 -3.74 -0.81
CA MSE A 114 11.41 -3.61 -2.11
C MSE A 114 11.98 -4.58 -3.13
O MSE A 114 13.16 -4.92 -3.08
CB MSE A 114 11.47 -2.16 -2.60
CG MSE A 114 10.61 -1.24 -1.72
SE MSE A 114 10.46 0.49 -2.47
CE MSE A 114 12.14 1.26 -1.93
N VAL A 115 11.10 -5.08 -3.99
CA VAL A 115 11.46 -6.04 -5.01
C VAL A 115 12.51 -5.49 -5.95
N THR A 116 13.54 -6.28 -6.22
CA THR A 116 14.60 -5.83 -7.12
C THR A 116 14.35 -6.29 -8.54
N PRO A 117 14.85 -5.53 -9.52
CA PRO A 117 14.76 -5.90 -10.92
C PRO A 117 15.41 -7.25 -11.19
N GLU A 118 16.53 -7.52 -10.51
CA GLU A 118 17.22 -8.80 -10.70
C GLU A 118 16.29 -9.97 -10.33
N HIS A 119 15.70 -9.87 -9.16
CA HIS A 119 14.81 -10.93 -8.65
C HIS A 119 13.60 -11.12 -9.54
N ILE A 120 13.06 -10.02 -10.08
CA ILE A 120 11.95 -10.12 -10.99
C ILE A 120 12.38 -10.79 -12.28
N GLU A 121 13.52 -10.31 -12.83
CA GLU A 121 13.94 -10.83 -14.12
C GLU A 121 14.20 -12.34 -14.06
N ALA A 122 14.77 -12.81 -12.96
CA ALA A 122 15.12 -14.23 -12.83
C ALA A 122 13.89 -15.13 -12.83
N ALA A 123 12.75 -14.59 -12.41
CA ALA A 123 11.51 -15.33 -12.33
C ALA A 123 10.66 -15.27 -13.57
N ILE A 124 11.01 -14.46 -14.56
CA ILE A 124 10.19 -14.35 -15.76
C ILE A 124 10.21 -15.59 -16.62
N THR A 125 9.05 -16.07 -17.02
CA THR A 125 8.83 -17.19 -17.91
C THR A 125 7.83 -16.75 -18.98
N PRO A 126 7.57 -17.58 -19.97
CA PRO A 126 6.58 -17.33 -20.99
C PRO A 126 5.15 -17.21 -20.45
N GLN A 127 4.92 -17.72 -19.25
CA GLN A 127 3.60 -17.67 -18.64
C GLN A 127 3.41 -16.43 -17.78
N THR A 128 4.43 -15.62 -17.61
CA THR A 128 4.32 -14.40 -16.78
C THR A 128 3.39 -13.39 -17.47
N LYS A 129 2.35 -12.99 -16.73
CA LYS A 129 1.33 -12.12 -17.31
C LYS A 129 1.25 -10.77 -16.58
N ALA A 130 1.89 -10.61 -15.46
CA ALA A 130 1.97 -9.36 -14.73
C ALA A 130 3.08 -9.37 -13.69
N ILE A 131 3.61 -8.19 -13.43
CA ILE A 131 4.60 -7.91 -12.41
C ILE A 131 4.06 -6.84 -11.44
N ILE A 132 4.06 -7.12 -10.15
CA ILE A 132 3.45 -6.21 -9.18
C ILE A 132 4.43 -5.76 -8.13
N PRO A 133 5.19 -4.68 -8.42
CA PRO A 133 6.09 -4.13 -7.43
C PRO A 133 5.34 -3.36 -6.34
N VAL A 134 5.88 -3.28 -5.16
CA VAL A 134 5.29 -2.56 -4.04
C VAL A 134 6.15 -1.35 -3.63
N HIS A 135 5.56 -0.18 -3.58
CA HIS A 135 6.27 1.02 -3.07
C HIS A 135 6.18 1.01 -1.57
N TYR A 136 7.11 0.30 -0.94
CA TYR A 136 7.09 -0.04 0.44
C TYR A 136 7.29 1.07 1.44
N ALA A 137 6.36 1.22 2.35
CA ALA A 137 6.29 2.13 3.44
C ALA A 137 6.17 3.61 3.06
N GLY A 138 6.10 3.93 1.79
CA GLY A 138 6.01 5.34 1.35
C GLY A 138 7.15 5.65 0.40
N ALA A 139 8.14 4.76 0.35
CA ALA A 139 9.24 4.94 -0.60
C ALA A 139 8.92 4.26 -1.90
N PRO A 140 9.48 4.71 -3.02
CA PRO A 140 9.22 4.15 -4.31
C PRO A 140 10.21 3.08 -4.76
N ALA A 141 9.68 2.09 -5.45
CA ALA A 141 10.50 1.03 -6.05
C ALA A 141 11.23 1.56 -7.27
N ASP A 142 12.16 0.81 -7.83
CA ASP A 142 12.95 1.28 -8.97
C ASP A 142 12.20 1.16 -10.27
N LEU A 143 11.27 2.10 -10.49
CA LEU A 143 10.39 2.06 -11.63
C LEU A 143 11.04 2.03 -12.99
N ASP A 144 12.13 2.78 -13.20
CA ASP A 144 12.76 2.79 -14.52
C ASP A 144 13.21 1.39 -14.93
N ALA A 145 13.90 0.69 -14.04
CA ALA A 145 14.35 -0.67 -14.33
C ALA A 145 13.18 -1.64 -14.44
N ILE A 146 12.16 -1.46 -13.60
CA ILE A 146 10.99 -2.35 -13.66
C ILE A 146 10.19 -2.18 -14.90
N TYR A 147 9.91 -0.94 -15.35
CA TYR A 147 9.19 -0.74 -16.60
C TYR A 147 10.00 -1.23 -17.81
N ALA A 148 11.31 -1.05 -17.71
CA ALA A 148 12.21 -1.54 -18.75
C ALA A 148 12.02 -3.05 -18.93
N LEU A 149 11.98 -3.77 -17.81
CA LEU A 149 11.71 -5.21 -17.82
C LEU A 149 10.37 -5.51 -18.48
N GLY A 150 9.31 -4.77 -18.06
CA GLY A 150 8.00 -4.94 -18.64
C GLY A 150 7.93 -4.70 -20.12
N GLU A 151 8.64 -3.67 -20.60
CA GLU A 151 8.69 -3.35 -22.01
C GLU A 151 9.47 -4.39 -22.81
N ARG A 152 10.61 -4.81 -22.27
CA ARG A 152 11.46 -5.79 -22.95
C ARG A 152 10.75 -7.12 -23.14
N TYR A 153 10.07 -7.58 -22.08
CA TYR A 153 9.41 -8.87 -22.12
C TYR A 153 7.95 -8.80 -22.50
N GLY A 154 7.38 -7.61 -22.61
CA GLY A 154 5.97 -7.47 -22.99
C GLY A 154 5.05 -7.93 -21.85
N ILE A 155 5.40 -7.56 -20.62
CA ILE A 155 4.58 -7.92 -19.46
C ILE A 155 4.08 -6.68 -18.73
N PRO A 156 2.77 -6.57 -18.53
CA PRO A 156 2.18 -5.45 -17.81
C PRO A 156 2.70 -5.31 -16.41
N VAL A 157 2.92 -4.07 -15.97
CA VAL A 157 3.37 -3.75 -14.64
C VAL A 157 2.19 -3.07 -13.90
N ILE A 158 1.77 -3.62 -12.78
CA ILE A 158 0.68 -3.00 -12.00
C ILE A 158 1.27 -2.63 -10.65
N GLU A 159 1.34 -1.32 -10.36
CA GLU A 159 2.01 -0.91 -9.14
C GLU A 159 1.09 -0.95 -7.93
N ASP A 160 1.58 -1.59 -6.86
CA ASP A 160 0.87 -1.56 -5.59
C ASP A 160 1.32 -0.27 -4.87
N ALA A 161 0.46 0.74 -4.93
CA ALA A 161 0.79 2.02 -4.31
C ALA A 161 0.01 2.29 -3.05
N ALA A 162 -0.40 1.20 -2.34
CA ALA A 162 -1.17 1.37 -1.12
C ALA A 162 -0.46 2.19 -0.06
N HIS A 163 0.87 2.14 -0.03
CA HIS A 163 1.60 2.93 0.96
C HIS A 163 2.07 4.26 0.36
N ALA A 164 1.74 4.58 -0.86
CA ALA A 164 2.37 5.67 -1.59
C ALA A 164 1.57 6.88 -1.97
N THR A 165 0.49 7.23 -1.29
CA THR A 165 -0.19 8.48 -1.66
C THR A 165 0.74 9.63 -1.19
N GLY A 166 1.31 10.31 -2.16
CA GLY A 166 2.24 11.41 -1.80
C GLY A 166 3.67 11.04 -2.14
N THR A 167 3.89 9.82 -2.62
CA THR A 167 5.22 9.36 -2.99
C THR A 167 5.60 9.81 -4.38
N SER A 168 6.88 10.23 -4.54
CA SER A 168 7.36 10.59 -5.85
C SER A 168 8.65 9.83 -6.20
N TYR A 169 8.83 9.54 -7.46
CA TYR A 169 9.97 8.83 -7.98
C TYR A 169 10.67 9.68 -9.05
N LYS A 170 11.92 10.05 -8.78
CA LYS A 170 12.70 10.85 -9.73
C LYS A 170 11.91 11.99 -10.34
N GLY A 171 11.31 12.83 -9.50
CA GLY A 171 10.57 13.99 -9.91
C GLY A 171 9.18 13.80 -10.41
N ARG A 172 8.62 12.58 -10.36
CA ARG A 172 7.26 12.41 -10.85
C ARG A 172 6.47 11.56 -9.84
N HIS A 173 5.21 11.95 -9.64
CA HIS A 173 4.38 11.25 -8.68
C HIS A 173 4.21 9.77 -9.06
N ILE A 174 4.08 8.96 -8.01
CA ILE A 174 3.70 7.55 -8.28
C ILE A 174 2.30 7.61 -8.90
N GLY A 175 2.06 6.86 -9.96
CA GLY A 175 0.80 6.86 -10.65
C GLY A 175 0.71 7.83 -11.81
N ALA A 176 1.78 8.61 -12.02
CA ALA A 176 1.79 9.55 -13.14
C ALA A 176 1.67 8.84 -14.47
N ARG A 177 2.37 7.69 -14.60
CA ARG A 177 2.32 6.89 -15.79
C ARG A 177 2.00 5.41 -15.39
N GLY A 178 1.58 4.65 -16.36
CA GLY A 178 1.27 3.25 -16.17
C GLY A 178 -0.02 3.08 -15.35
N THR A 179 0.02 2.06 -14.51
CA THR A 179 -1.18 1.73 -13.70
C THR A 179 -0.75 1.54 -12.25
N ALA A 180 -1.44 2.19 -11.31
CA ALA A 180 -1.11 2.13 -9.91
C ALA A 180 -2.38 2.12 -9.05
N ILE A 181 -2.31 1.34 -7.99
CA ILE A 181 -3.48 1.20 -7.11
C ILE A 181 -3.21 1.77 -5.76
N PHE A 182 -4.04 2.75 -5.34
CA PHE A 182 -3.90 3.42 -4.06
C PHE A 182 -4.98 2.98 -3.07
N SER A 183 -4.68 3.12 -1.78
CA SER A 183 -5.60 2.69 -0.73
C SER A 183 -6.01 3.81 0.22
N PHE A 184 -7.26 3.80 0.63
CA PHE A 184 -7.81 4.73 1.59
C PHE A 184 -8.20 4.04 2.90
N HIS A 185 -7.52 2.91 3.18
CA HIS A 185 -7.75 2.19 4.44
C HIS A 185 -7.41 3.07 5.63
N ALA A 186 -8.04 2.81 6.76
CA ALA A 186 -7.93 3.57 7.98
C ALA A 186 -6.53 3.98 8.39
N ILE A 187 -5.47 3.21 8.16
CA ILE A 187 -4.14 3.60 8.59
C ILE A 187 -3.32 4.25 7.49
N LYS A 188 -3.90 4.50 6.31
CA LYS A 188 -3.15 5.02 5.19
C LYS A 188 -3.00 6.54 5.26
N ASN A 189 -2.17 7.08 4.36
CA ASN A 189 -1.92 8.53 4.38
C ASN A 189 -3.20 9.33 4.27
N ILE A 190 -4.16 8.91 3.45
CA ILE A 190 -5.47 9.54 3.42
C ILE A 190 -6.51 8.40 3.58
N THR A 191 -7.58 8.67 4.31
CA THR A 191 -8.53 7.58 4.56
C THR A 191 -9.99 7.99 4.47
N CYS A 192 -10.82 7.01 4.11
CA CYS A 192 -12.26 7.10 4.18
C CYS A 192 -12.76 5.77 4.80
N ALA A 193 -11.96 5.25 5.71
CA ALA A 193 -12.13 4.01 6.44
C ALA A 193 -11.74 2.81 5.57
N GLU A 194 -12.43 2.63 4.46
CA GLU A 194 -12.06 1.63 3.45
C GLU A 194 -12.32 2.28 2.07
N GLY A 195 -11.41 2.05 1.15
CA GLY A 195 -11.61 2.60 -0.21
C GLY A 195 -10.28 2.49 -0.96
N GLY A 196 -10.35 2.64 -2.25
CA GLY A 196 -9.11 2.65 -3.06
C GLY A 196 -9.40 3.28 -4.39
N ILE A 197 -8.33 3.37 -5.21
CA ILE A 197 -8.52 3.95 -6.53
C ILE A 197 -7.45 3.41 -7.47
N VAL A 198 -7.89 3.08 -8.66
CA VAL A 198 -6.94 2.58 -9.68
C VAL A 198 -6.72 3.75 -10.66
N VAL A 199 -5.46 4.12 -10.82
CA VAL A 199 -5.17 5.22 -11.77
C VAL A 199 -4.48 4.57 -12.99
N THR A 200 -4.86 4.93 -14.19
CA THR A 200 -4.25 4.29 -15.36
C THR A 200 -4.17 5.22 -16.55
N ASP A 201 -3.24 4.91 -17.47
CA ASP A 201 -3.06 5.72 -18.67
C ASP A 201 -3.75 5.10 -19.87
N ASN A 202 -4.38 3.95 -19.67
CA ASN A 202 -5.04 3.21 -20.75
C ASN A 202 -6.55 3.30 -20.68
N PRO A 203 -7.18 3.96 -21.64
CA PRO A 203 -8.60 4.16 -21.67
C PRO A 203 -9.41 2.88 -21.82
N GLN A 204 -8.97 1.92 -22.64
CA GLN A 204 -9.75 0.68 -22.77
C GLN A 204 -9.70 -0.12 -21.46
N PHE A 205 -8.54 -0.09 -20.82
CA PHE A 205 -8.39 -0.76 -19.52
C PHE A 205 -9.27 -0.07 -18.48
N ALA A 206 -9.25 1.26 -18.47
CA ALA A 206 -10.11 1.97 -17.49
C ALA A 206 -11.56 1.63 -17.68
N ASP A 207 -12.04 1.57 -18.92
CA ASP A 207 -13.44 1.25 -19.16
C ASP A 207 -13.78 -0.14 -18.59
N LYS A 208 -12.88 -1.09 -18.79
CA LYS A 208 -13.07 -2.44 -18.26
C LYS A 208 -13.13 -2.41 -16.72
N LEU A 209 -12.23 -1.63 -16.11
CA LEU A 209 -12.26 -1.53 -14.65
C LEU A 209 -13.59 -0.99 -14.17
N ARG A 210 -14.10 0.08 -14.80
CA ARG A 210 -15.36 0.66 -14.34
C ARG A 210 -16.51 -0.33 -14.43
N SER A 211 -16.49 -1.16 -15.47
CA SER A 211 -17.55 -2.17 -15.61
C SER A 211 -17.39 -3.30 -14.61
N LEU A 212 -16.18 -3.76 -14.37
CA LEU A 212 -15.92 -4.88 -13.46
C LEU A 212 -16.18 -4.54 -11.99
N LYS A 213 -16.11 -3.26 -11.64
CA LYS A 213 -16.40 -2.88 -10.24
C LYS A 213 -17.88 -2.63 -10.03
N PHE A 214 -18.70 -2.73 -11.10
CA PHE A 214 -20.13 -2.56 -10.92
C PHE A 214 -20.92 -3.49 -11.80
N HIS A 215 -20.87 -4.78 -11.44
CA HIS A 215 -21.65 -5.85 -11.95
C HIS A 215 -21.40 -6.22 -13.40
N GLY A 216 -20.35 -5.68 -14.00
CA GLY A 216 -20.09 -5.98 -15.43
C GLY A 216 -21.04 -5.19 -16.30
N LEU A 217 -21.74 -4.20 -15.74
CA LEU A 217 -22.68 -3.41 -16.53
C LEU A 217 -21.91 -2.46 -17.44
N GLY A 218 -22.42 -2.35 -18.67
CA GLY A 218 -21.76 -1.41 -19.61
C GLY A 218 -22.77 -1.12 -20.71
N VAL A 219 -22.47 -0.08 -21.49
CA VAL A 219 -23.36 0.25 -22.60
C VAL A 219 -22.83 -0.43 -23.87
N ASP A 220 -23.71 -1.26 -24.41
CA ASP A 220 -23.47 -2.05 -25.59
C ASP A 220 -23.74 -1.28 -26.88
N GLN A 232 -28.68 2.25 -22.50
CA GLN A 232 -29.18 1.56 -21.31
C GLN A 232 -28.27 0.38 -20.95
N ALA A 233 -27.62 0.47 -19.81
CA ALA A 233 -26.68 -0.52 -19.34
C ALA A 233 -27.28 -1.89 -19.06
N GLU A 234 -26.48 -2.91 -19.34
CA GLU A 234 -26.81 -4.31 -19.10
C GLU A 234 -25.51 -5.10 -18.92
N VAL A 235 -25.57 -6.31 -18.39
CA VAL A 235 -24.34 -7.06 -18.15
C VAL A 235 -23.67 -7.47 -19.47
N LEU A 236 -22.49 -6.95 -19.71
CA LEU A 236 -21.73 -7.34 -20.93
C LEU A 236 -20.91 -8.58 -20.61
N ALA A 237 -20.39 -8.66 -19.39
CA ALA A 237 -19.62 -9.78 -18.87
C ALA A 237 -19.72 -9.68 -17.33
N PRO A 238 -19.91 -10.77 -16.65
CA PRO A 238 -20.12 -10.69 -15.20
C PRO A 238 -18.99 -9.93 -14.52
N GLY A 239 -19.41 -9.16 -13.51
CA GLY A 239 -18.39 -8.43 -12.73
C GLY A 239 -18.85 -8.43 -11.27
N TYR A 240 -18.08 -7.77 -10.43
CA TYR A 240 -18.32 -7.76 -8.99
C TYR A 240 -18.91 -6.46 -8.52
N LYS A 241 -19.20 -6.40 -7.20
CA LYS A 241 -19.71 -5.14 -6.66
C LYS A 241 -18.64 -4.54 -5.75
N TYR A 242 -17.97 -3.52 -6.31
CA TYR A 242 -16.83 -2.92 -5.59
C TYR A 242 -16.90 -1.40 -5.71
N ASN A 243 -18.10 -0.85 -5.84
CA ASN A 243 -18.20 0.62 -5.97
C ASN A 243 -18.06 1.29 -4.62
N LEU A 244 -17.49 2.49 -4.59
CA LEU A 244 -17.30 3.26 -3.35
C LEU A 244 -18.45 4.26 -3.18
N PRO A 245 -19.11 4.24 -2.05
CA PRO A 245 -20.24 5.15 -1.80
C PRO A 245 -19.76 6.60 -1.85
N ASP A 246 -20.65 7.55 -2.20
CA ASP A 246 -20.26 8.95 -2.15
C ASP A 246 -20.00 9.42 -0.73
N LEU A 247 -20.66 8.83 0.24
CA LEU A 247 -20.44 9.11 1.67
C LEU A 247 -18.97 8.97 2.00
N ASN A 248 -18.37 7.83 1.62
CA ASN A 248 -16.96 7.60 1.81
C ASN A 248 -16.06 8.41 0.90
N ALA A 249 -16.43 8.57 -0.37
CA ALA A 249 -15.63 9.35 -1.31
C ALA A 249 -15.49 10.81 -0.85
N ALA A 250 -16.55 11.36 -0.22
CA ALA A 250 -16.44 12.74 0.25
C ALA A 250 -15.44 12.89 1.37
N ILE A 251 -15.29 11.91 2.25
CA ILE A 251 -14.30 11.89 3.30
C ILE A 251 -12.89 11.84 2.69
N ALA A 252 -12.72 10.96 1.70
CA ALA A 252 -11.43 10.85 1.02
C ALA A 252 -11.08 12.20 0.36
N LEU A 253 -12.05 12.83 -0.26
CA LEU A 253 -11.82 14.14 -0.91
C LEU A 253 -11.35 15.18 0.10
N ALA A 254 -11.97 15.21 1.29
CA ALA A 254 -11.55 16.15 2.31
C ALA A 254 -10.15 15.87 2.81
N GLN A 255 -9.79 14.60 2.94
CA GLN A 255 -8.45 14.20 3.34
C GLN A 255 -7.41 14.54 2.28
N LEU A 256 -7.75 14.35 1.02
CA LEU A 256 -6.86 14.59 -0.10
C LEU A 256 -6.49 16.09 -0.16
N GLN A 257 -7.46 16.91 0.21
CA GLN A 257 -7.20 18.36 0.29
C GLN A 257 -6.14 18.71 1.29
N LYS A 258 -5.92 17.96 2.36
CA LYS A 258 -4.94 18.14 3.38
C LYS A 258 -3.66 17.31 3.19
N LEU A 259 -3.52 16.63 2.07
CA LEU A 259 -2.40 15.69 1.89
C LEU A 259 -1.04 16.24 2.23
N ASP A 260 -0.69 17.43 1.73
CA ASP A 260 0.65 17.96 1.99
C ASP A 260 0.92 18.22 3.46
N ALA A 261 -0.04 18.83 4.16
CA ALA A 261 0.15 19.05 5.60
C ALA A 261 0.27 17.72 6.34
N LEU A 262 -0.63 16.79 6.03
CA LEU A 262 -0.59 15.49 6.72
C LEU A 262 0.73 14.78 6.50
N ASN A 263 1.20 14.69 5.25
CA ASN A 263 2.46 14.01 4.98
C ASN A 263 3.64 14.77 5.59
N ALA A 264 3.55 16.10 5.64
CA ALA A 264 4.63 16.87 6.28
C ALA A 264 4.78 16.52 7.74
N ARG A 265 3.67 16.30 8.45
CA ARG A 265 3.75 15.91 9.86
C ARG A 265 4.35 14.52 9.99
N ARG A 266 4.00 13.60 9.07
CA ARG A 266 4.60 12.28 9.06
C ARG A 266 6.11 12.34 8.86
N ALA A 267 6.55 13.11 7.86
CA ALA A 267 7.97 13.26 7.57
C ALA A 267 8.72 13.88 8.75
N ALA A 268 8.10 14.84 9.43
CA ALA A 268 8.73 15.46 10.59
C ALA A 268 8.98 14.47 11.70
N ILE A 269 8.00 13.60 11.95
CA ILE A 269 8.15 12.59 12.99
C ILE A 269 9.15 11.51 12.58
N ALA A 270 9.24 11.25 11.29
CA ALA A 270 10.22 10.31 10.75
C ALA A 270 11.64 10.80 11.11
N ALA A 271 11.88 12.08 10.87
CA ALA A 271 13.18 12.70 11.15
C ALA A 271 13.59 12.51 12.60
N GLN A 272 12.69 12.82 13.53
CA GLN A 272 12.98 12.65 14.95
C GLN A 272 13.31 11.21 15.28
N TYR A 273 12.51 10.26 14.78
CA TYR A 273 12.82 8.85 15.00
C TYR A 273 14.24 8.55 14.51
N HIS A 274 14.58 9.06 13.33
CA HIS A 274 15.90 8.89 12.76
C HIS A 274 16.97 9.39 13.74
N GLN A 275 16.73 10.57 14.30
CA GLN A 275 17.66 11.15 15.28
C GLN A 275 17.73 10.27 16.52
N ALA A 276 16.59 9.78 16.98
CA ALA A 276 16.52 8.93 18.17
C ALA A 276 17.13 7.55 17.94
N MSE A 277 17.19 7.09 16.70
CA MSE A 277 17.75 5.81 16.35
C MSE A 277 19.27 5.81 16.38
O MSE A 277 19.91 4.77 16.58
CB MSE A 277 17.25 5.34 14.98
CG MSE A 277 15.77 4.98 14.95
SE MSE A 277 15.32 3.55 16.12
CE MSE A 277 13.73 4.18 16.94
N ALA A 278 19.88 6.99 16.29
CA ALA A 278 21.33 7.11 16.34
C ALA A 278 21.88 6.62 17.67
N ASP A 279 21.11 6.83 18.73
CA ASP A 279 21.47 6.37 20.06
C ASP A 279 20.74 5.09 20.44
N LEU A 280 20.21 4.35 19.46
CA LEU A 280 19.52 3.10 19.74
C LEU A 280 20.02 2.00 18.81
N PRO A 281 19.83 0.76 19.23
CA PRO A 281 20.30 -0.42 18.50
C PRO A 281 19.36 -0.86 17.39
N PHE A 282 18.10 -0.47 17.46
CA PHE A 282 17.13 -0.85 16.42
C PHE A 282 17.50 -0.24 15.08
N GLN A 283 17.33 -0.99 13.99
CA GLN A 283 17.72 -0.51 12.68
C GLN A 283 16.54 -0.19 11.76
N PRO A 284 16.35 1.08 11.46
CA PRO A 284 15.29 1.50 10.55
C PRO A 284 15.59 0.98 9.16
N LEU A 285 14.63 1.10 8.24
CA LEU A 285 14.86 0.68 6.87
C LEU A 285 15.81 1.68 6.18
N SER A 286 16.48 1.25 5.14
CA SER A 286 17.33 2.15 4.37
C SER A 286 16.47 2.86 3.32
N LEU A 287 16.88 4.08 3.00
CA LEU A 287 16.18 4.80 1.93
C LEU A 287 16.74 4.27 0.61
N PRO A 288 15.94 4.26 -0.43
CA PRO A 288 16.40 3.84 -1.76
C PRO A 288 17.49 4.82 -2.21
N SER A 289 18.35 4.39 -3.12
CA SER A 289 19.44 5.25 -3.59
C SER A 289 18.97 6.30 -4.57
N TRP A 290 17.90 6.04 -5.30
CA TRP A 290 17.36 6.95 -6.30
C TRP A 290 16.63 8.14 -5.69
N GLU A 291 16.48 9.17 -6.51
CA GLU A 291 15.80 10.39 -6.10
C GLU A 291 14.30 10.07 -5.85
N HIS A 292 13.78 10.59 -4.76
CA HIS A 292 12.39 10.34 -4.41
C HIS A 292 11.88 11.26 -3.32
N ILE A 293 10.56 11.22 -3.15
CA ILE A 293 9.89 11.86 -2.03
C ILE A 293 9.15 10.71 -1.30
N HIS A 294 9.49 10.52 -0.06
CA HIS A 294 8.94 9.47 0.81
C HIS A 294 7.67 9.92 1.48
N ALA A 295 6.58 9.15 1.32
CA ALA A 295 5.31 9.49 1.93
C ALA A 295 5.25 9.23 3.42
N TRP A 296 6.17 8.39 3.92
CA TRP A 296 6.22 8.04 5.30
C TRP A 296 4.91 7.50 5.84
N HIS A 297 4.43 6.44 5.16
CA HIS A 297 3.24 5.72 5.65
C HIS A 297 3.59 4.98 6.92
N LEU A 298 4.78 4.33 6.94
CA LEU A 298 5.22 3.62 8.10
C LEU A 298 6.68 3.96 8.49
N PHE A 299 6.96 3.85 9.78
CA PHE A 299 8.33 3.93 10.27
C PHE A 299 8.70 2.53 10.82
N ILE A 300 9.35 1.74 10.00
CA ILE A 300 9.70 0.36 10.36
C ILE A 300 11.10 0.21 10.94
N ILE A 301 11.20 -0.54 12.04
CA ILE A 301 12.50 -0.84 12.62
C ILE A 301 12.72 -2.36 12.64
N ARG A 302 13.98 -2.76 12.51
CA ARG A 302 14.36 -4.16 12.66
C ARG A 302 14.89 -4.35 14.10
N VAL A 303 14.39 -5.38 14.73
CA VAL A 303 14.76 -5.73 16.09
C VAL A 303 15.44 -7.10 16.07
N ASP A 304 16.75 -7.08 15.79
CA ASP A 304 17.51 -8.33 15.77
C ASP A 304 17.96 -8.67 17.18
N GLU A 305 17.50 -9.80 17.71
CA GLU A 305 17.80 -10.21 19.06
C GLU A 305 19.27 -10.13 19.43
N ALA A 306 20.15 -10.59 18.56
CA ALA A 306 21.59 -10.56 18.82
C ALA A 306 22.11 -9.13 18.94
N ARG A 307 21.63 -8.22 18.12
CA ARG A 307 22.10 -6.83 18.16
C ARG A 307 21.36 -6.00 19.18
N CYS A 308 20.09 -6.28 19.44
CA CYS A 308 19.29 -5.47 20.35
C CYS A 308 19.17 -6.03 21.74
N GLY A 309 19.32 -7.34 21.89
CA GLY A 309 19.20 -7.99 23.19
C GLY A 309 17.76 -8.36 23.52
N ILE A 310 16.85 -8.09 22.58
CA ILE A 310 15.43 -8.39 22.74
C ILE A 310 14.87 -8.77 21.36
N THR A 311 13.89 -9.66 21.33
CA THR A 311 13.30 -10.08 20.07
C THR A 311 12.18 -9.13 19.64
N ARG A 312 11.83 -9.20 18.36
CA ARG A 312 10.76 -8.36 17.81
C ARG A 312 9.46 -8.55 18.57
N ASP A 313 9.03 -9.80 18.76
CA ASP A 313 7.79 -10.08 19.48
C ASP A 313 7.87 -9.58 20.92
N ALA A 314 9.02 -9.80 21.57
CA ALA A 314 9.20 -9.33 22.94
C ALA A 314 9.09 -7.81 23.00
N LEU A 315 9.74 -7.14 22.06
CA LEU A 315 9.69 -5.67 22.02
C LEU A 315 8.26 -5.21 21.87
N MSE A 316 7.52 -5.76 20.90
CA MSE A 316 6.12 -5.40 20.71
C MSE A 316 5.32 -5.61 21.98
O MSE A 316 4.54 -4.75 22.40
CB MSE A 316 5.51 -6.16 19.53
CG MSE A 316 6.06 -5.78 18.17
SE MSE A 316 5.09 -6.63 16.73
CE MSE A 316 3.31 -6.17 17.20
N ALA A 317 5.52 -6.74 22.66
CA ALA A 317 4.78 -7.02 23.89
C ALA A 317 5.20 -6.08 25.01
N SER A 318 6.49 -5.76 25.09
CA SER A 318 6.99 -4.85 26.13
C SER A 318 6.36 -3.48 25.96
N LEU A 319 6.33 -3.00 24.71
CA LEU A 319 5.71 -1.72 24.38
C LEU A 319 4.24 -1.70 24.74
N LYS A 320 3.51 -2.78 24.48
CA LYS A 320 2.09 -2.84 24.80
C LYS A 320 1.85 -2.80 26.31
N THR A 321 2.79 -3.34 27.09
CA THR A 321 2.71 -3.27 28.54
C THR A 321 2.81 -1.82 28.99
N LYS A 322 3.62 -1.04 28.27
CA LYS A 322 3.81 0.37 28.50
C LYS A 322 2.71 1.23 27.89
N GLY A 323 1.69 0.62 27.31
CA GLY A 323 0.57 1.31 26.70
C GLY A 323 0.90 1.87 25.32
N ILE A 324 1.84 1.24 24.62
CA ILE A 324 2.25 1.70 23.30
C ILE A 324 2.00 0.63 22.25
N GLY A 325 1.18 0.98 21.24
CA GLY A 325 0.87 0.00 20.18
C GLY A 325 1.94 0.04 19.10
N THR A 326 2.09 -1.07 18.39
CA THR A 326 3.00 -1.22 17.27
C THR A 326 2.30 -2.05 16.18
N GLY A 327 2.80 -2.01 14.98
CA GLY A 327 2.19 -2.81 13.89
C GLY A 327 3.22 -3.77 13.33
N LEU A 328 2.72 -4.80 12.63
CA LEU A 328 3.62 -5.75 11.97
C LEU A 328 3.26 -5.76 10.48
N HIS A 329 3.97 -4.97 9.71
CA HIS A 329 3.79 -4.84 8.28
C HIS A 329 5.03 -5.28 7.55
N PHE A 330 5.06 -6.53 7.14
CA PHE A 330 4.07 -7.57 7.32
C PHE A 330 4.74 -8.93 7.58
N ARG A 331 3.94 -9.87 8.06
CA ARG A 331 4.46 -11.25 8.16
C ARG A 331 4.44 -11.79 6.72
N ALA A 332 5.59 -12.11 6.18
CA ALA A 332 5.68 -12.49 4.76
C ALA A 332 4.58 -13.44 4.35
N ALA A 333 3.98 -13.20 3.17
CA ALA A 333 2.86 -14.03 2.73
C ALA A 333 3.23 -15.50 2.63
N HIS A 334 4.44 -15.82 2.16
CA HIS A 334 4.81 -17.23 2.04
C HIS A 334 5.01 -17.94 3.36
N THR A 335 4.99 -17.28 4.49
CA THR A 335 5.07 -17.88 5.79
C THR A 335 3.68 -18.10 6.40
N GLN A 336 2.62 -17.69 5.70
CA GLN A 336 1.27 -17.90 6.26
C GLN A 336 0.76 -19.27 5.86
N LYS A 337 -0.09 -19.88 6.68
CA LYS A 337 -0.53 -21.24 6.53
C LYS A 337 -0.81 -21.70 5.12
N TYR A 338 -1.79 -21.11 4.43
CA TYR A 338 -2.10 -21.55 3.09
C TYR A 338 -0.89 -21.61 2.18
N TYR A 339 -0.08 -20.54 2.17
CA TYR A 339 1.07 -20.43 1.32
C TYR A 339 2.22 -21.32 1.74
N ARG A 340 2.41 -21.59 3.01
CA ARG A 340 3.45 -22.53 3.48
C ARG A 340 3.16 -23.92 2.89
N GLU A 341 1.88 -24.31 2.94
CA GLU A 341 1.50 -25.64 2.49
C GLU A 341 1.49 -25.76 0.99
N ARG A 342 1.18 -24.67 0.28
CA ARG A 342 1.15 -24.70 -1.17
C ARG A 342 2.54 -24.59 -1.76
N PHE A 343 3.44 -23.86 -1.11
CA PHE A 343 4.80 -23.63 -1.64
C PHE A 343 5.82 -23.99 -0.56
N PRO A 344 5.89 -25.28 -0.20
CA PRO A 344 6.74 -25.73 0.86
C PRO A 344 8.22 -25.56 0.65
N THR A 345 8.68 -25.59 -0.58
CA THR A 345 10.10 -25.46 -0.89
C THR A 345 10.53 -24.01 -1.11
N LEU A 346 9.55 -23.10 -1.09
CA LEU A 346 9.92 -21.69 -1.37
C LEU A 346 10.74 -21.10 -0.26
N THR A 347 11.95 -20.60 -0.59
CA THR A 347 12.78 -19.93 0.40
C THR A 347 13.21 -18.56 -0.17
N LEU A 348 13.04 -17.56 0.63
CA LEU A 348 13.34 -16.16 0.27
C LEU A 348 14.03 -15.51 1.47
N PRO A 349 15.35 -15.71 1.56
CA PRO A 349 16.12 -15.32 2.70
C PRO A 349 15.99 -13.92 3.20
N ASP A 350 16.11 -12.93 2.36
CA ASP A 350 16.02 -11.52 2.80
C ASP A 350 14.62 -11.18 3.30
N THR A 351 13.59 -11.70 2.65
CA THR A 351 12.21 -11.54 3.13
C THR A 351 12.01 -12.13 4.50
N GLU A 352 12.47 -13.39 4.69
CA GLU A 352 12.31 -14.08 5.95
C GLU A 352 13.06 -13.43 7.09
N TRP A 353 14.27 -12.95 6.81
CA TRP A 353 15.09 -12.30 7.84
C TRP A 353 14.34 -11.08 8.39
N ASN A 354 13.82 -10.28 7.47
CA ASN A 354 13.04 -9.11 7.82
C ASN A 354 11.70 -9.44 8.42
N SER A 355 11.01 -10.45 7.86
CA SER A 355 9.70 -10.85 8.39
C SER A 355 9.75 -11.18 9.87
N GLU A 356 10.86 -11.78 10.34
CA GLU A 356 10.96 -12.13 11.76
C GLU A 356 11.45 -10.99 12.62
N ARG A 357 11.85 -9.87 12.03
CA ARG A 357 12.41 -8.77 12.81
C ARG A 357 11.76 -7.42 12.65
N ILE A 358 10.82 -7.24 11.74
CA ILE A 358 10.29 -5.89 11.54
C ILE A 358 9.11 -5.58 12.43
N CYS A 359 8.94 -4.28 12.71
CA CYS A 359 7.75 -3.79 13.41
C CYS A 359 7.60 -2.30 13.11
N SER A 360 6.39 -1.80 13.19
CA SER A 360 6.06 -0.43 12.84
C SER A 360 5.78 0.44 14.05
N LEU A 361 6.57 1.50 14.24
CA LEU A 361 6.40 2.39 15.39
C LEU A 361 5.30 3.41 15.15
N PRO A 362 4.72 3.92 16.23
CA PRO A 362 3.64 4.88 16.11
C PRO A 362 4.02 6.03 15.21
N LEU A 363 3.25 6.26 14.16
CA LEU A 363 3.47 7.32 13.21
C LEU A 363 2.16 7.76 12.55
N PHE A 364 1.64 8.93 12.93
CA PHE A 364 0.41 9.46 12.36
C PHE A 364 0.41 10.99 12.46
N PRO A 365 -0.35 11.67 11.61
CA PRO A 365 -0.39 13.11 11.57
C PRO A 365 -0.68 13.83 12.85
N ASP A 366 -1.56 13.35 13.70
CA ASP A 366 -1.92 13.98 14.95
C ASP A 366 -1.05 13.60 16.13
N MSE A 367 -0.01 12.81 15.94
CA MSE A 367 0.86 12.37 17.03
C MSE A 367 1.61 13.56 17.65
O MSE A 367 2.13 14.38 16.91
CB MSE A 367 1.88 11.37 16.50
CG MSE A 367 2.44 10.43 17.55
SE MSE A 367 3.54 9.07 16.84
CE MSE A 367 4.16 9.78 15.25
N THR A 368 1.67 13.60 18.97
CA THR A 368 2.33 14.73 19.67
C THR A 368 3.69 14.34 20.20
N GLU A 369 4.48 15.31 20.76
CA GLU A 369 5.76 14.87 21.33
C GLU A 369 5.54 14.18 22.66
N SER A 370 4.45 14.51 23.36
CA SER A 370 4.12 13.73 24.57
C SER A 370 4.11 12.24 24.16
N ASP A 371 3.40 11.94 23.07
CA ASP A 371 3.36 10.60 22.50
C ASP A 371 4.77 10.15 22.07
N PHE A 372 5.37 10.94 21.20
CA PHE A 372 6.66 10.64 20.62
C PHE A 372 7.71 10.32 21.67
N ASP A 373 7.93 11.23 22.65
CA ASP A 373 9.02 10.85 23.60
C ASP A 373 8.53 9.82 24.58
N ARG A 374 7.21 9.60 24.64
CA ARG A 374 6.69 8.48 25.43
C ARG A 374 7.23 7.18 24.81
N VAL A 375 7.30 7.18 23.48
CA VAL A 375 7.84 6.08 22.71
C VAL A 375 9.36 6.02 22.82
N ILE A 376 10.02 7.17 22.71
CA ILE A 376 11.48 7.20 22.80
C ILE A 376 11.98 6.66 24.13
N THR A 377 11.35 7.07 25.23
CA THR A 377 11.79 6.63 26.55
C THR A 377 11.36 5.21 26.84
N ALA A 378 10.39 4.68 26.10
CA ALA A 378 9.98 3.28 26.28
C ALA A 378 11.02 2.38 25.59
N LEU A 379 11.57 2.88 24.49
CA LEU A 379 12.61 2.17 23.75
C LEU A 379 13.89 2.09 24.60
N HIS A 380 14.24 3.22 25.22
CA HIS A 380 15.44 3.25 26.06
C HIS A 380 15.30 2.27 27.21
N GLN A 381 14.15 2.22 27.87
CA GLN A 381 13.93 1.23 28.92
C GLN A 381 14.21 -0.17 28.37
N ILE A 382 13.60 -0.50 27.25
CA ILE A 382 13.73 -1.80 26.61
C ILE A 382 15.10 -2.11 26.08
N ALA A 383 15.87 -1.13 25.62
CA ALA A 383 17.20 -1.36 25.07
C ALA A 383 18.20 -1.82 26.12
N GLY A 384 17.91 -1.63 27.39
CA GLY A 384 18.77 -2.09 28.48
C GLY A 384 18.30 -3.47 28.97
N1 PMP B . -1.10 -3.70 -0.68
C2 PMP B . -0.41 -3.33 0.45
C2A PMP B . 1.13 -3.23 0.38
C3 PMP B . -1.10 -3.05 1.63
O3 PMP B . -0.44 -2.67 2.77
C4 PMP B . -2.49 -3.17 1.66
C4A PMP B . -3.30 -2.86 2.97
N4A PMP B . -2.61 -2.14 3.93
C5 PMP B . -3.17 -3.55 0.50
C6 PMP B . -2.48 -3.81 -0.67
C5A PMP B . -4.71 -3.65 0.56
O4P PMP B . -5.35 -2.43 0.90
P PMP B . -6.90 -2.33 1.16
O1P PMP B . -7.22 -0.90 0.84
O2P PMP B . -7.02 -2.43 2.69
O3P PMP B . -7.63 -3.36 0.46
#